data_2P8B
#
_entry.id   2P8B
#
_cell.length_a   134.924
_cell.length_b   134.924
_cell.length_c   96.791
_cell.angle_alpha   90.00
_cell.angle_beta   90.00
_cell.angle_gamma   90.00
#
_symmetry.space_group_name_H-M   'I 4 2 2'
#
loop_
_entity.id
_entity.type
_entity.pdbx_description
1 polymer 'Mandelate racemase/muconate lactonizing enzyme family protein'
2 non-polymer 'MAGNESIUM ION'
3 non-polymer 'N-SUCCINYL LYSINE'
4 water water
#
_entity_poly.entity_id   1
_entity_poly.type   'polypeptide(L)'
_entity_poly.pdbx_seq_one_letter_code
;MKITAIHLYAIRLPLRNPFVISYGSYSDMPSIIVKMETDEGIIGYGEGVADDHVTGESWESTFHTLKHTLTPALIGQNPM
NIEKIHDMMDNTIYGVPTAKAAIDIACFDIMGKKLNQPVYQLIGGRYHEEFPVTHVLSIADPENMAEEAASMIQKGYQSF
KMKVGTNVKEDVKRIEAVRERVGNDIAIRVDVNQGWKNSANTLTALRSLGHLNIDWIEQPVIADDIDAMAHIRSKTDLPL
MIDEGLKSSREMRQIIKLEAADKVNIKLMKCGGIYPAVKLAHQAEMAGIECQVGSMVESSVASSAGFHVAFSKKIITSVE
LTGPLKFTKDIGNLHYDVPFIRLNEKPGLGIEINEDTLQELTVFQDIVR
;
_entity_poly.pdbx_strand_id   A
#
# COMPACT_ATOMS: atom_id res chain seq x y z
N MET A 1 8.44 -21.78 -19.82
CA MET A 1 9.31 -20.79 -19.11
C MET A 1 9.68 -21.30 -17.73
N LYS A 2 10.90 -21.01 -17.30
CA LYS A 2 11.38 -21.45 -16.00
C LYS A 2 12.21 -20.40 -15.28
N ILE A 3 12.01 -20.30 -13.97
CA ILE A 3 12.77 -19.35 -13.16
C ILE A 3 14.14 -19.97 -12.96
N THR A 4 15.18 -19.23 -13.34
CA THR A 4 16.54 -19.74 -13.21
C THR A 4 17.29 -19.16 -12.03
N ALA A 5 16.94 -17.95 -11.61
CA ALA A 5 17.62 -17.33 -10.49
C ALA A 5 16.85 -16.15 -9.92
N ILE A 6 17.02 -15.91 -8.63
CA ILE A 6 16.35 -14.80 -7.96
C ILE A 6 17.33 -13.99 -7.13
N HIS A 7 17.55 -12.74 -7.55
CA HIS A 7 18.45 -11.84 -6.84
C HIS A 7 17.68 -11.13 -5.74
N LEU A 8 18.27 -11.07 -4.56
CA LEU A 8 17.63 -10.41 -3.42
C LEU A 8 18.50 -9.23 -2.98
N TYR A 9 17.91 -8.05 -2.93
CA TYR A 9 18.64 -6.85 -2.55
C TYR A 9 18.00 -6.17 -1.33
N ALA A 10 18.77 -6.05 -0.25
CA ALA A 10 18.25 -5.38 0.94
C ALA A 10 18.68 -3.93 0.81
N ILE A 11 17.73 -3.06 0.49
CA ILE A 11 18.03 -1.64 0.29
C ILE A 11 17.34 -0.75 1.30
N ARG A 12 17.70 0.52 1.28
CA ARG A 12 17.07 1.50 2.16
C ARG A 12 16.77 2.74 1.32
N LEU A 13 15.49 3.07 1.21
CA LEU A 13 15.07 4.24 0.44
C LEU A 13 15.10 5.47 1.32
N PRO A 14 15.84 6.50 0.92
CA PRO A 14 15.95 7.75 1.68
C PRO A 14 14.72 8.64 1.59
N LEU A 15 14.27 9.12 2.74
CA LEU A 15 13.11 9.99 2.81
C LEU A 15 13.53 11.44 2.93
N ARG A 16 12.83 12.32 2.21
CA ARG A 16 13.14 13.73 2.26
C ARG A 16 12.94 14.20 3.69
N ASN A 17 11.85 13.74 4.31
CA ASN A 17 11.52 14.08 5.68
C ASN A 17 11.03 12.82 6.38
N PRO A 18 11.23 12.70 7.70
CA PRO A 18 10.77 11.50 8.38
C PRO A 18 9.25 11.37 8.27
N PHE A 19 8.77 10.15 8.05
CA PHE A 19 7.35 9.89 7.93
C PHE A 19 6.89 9.49 9.33
N VAL A 20 6.00 10.29 9.91
CA VAL A 20 5.53 10.04 11.27
C VAL A 20 4.05 9.71 11.40
N ILE A 21 3.75 8.58 12.01
CA ILE A 21 2.37 8.19 12.21
C ILE A 21 2.18 7.78 13.66
N SER A 22 0.94 7.42 14.01
CA SER A 22 0.62 7.03 15.37
C SER A 22 1.51 5.99 16.02
N TYR A 23 1.86 4.94 15.30
CA TYR A 23 2.67 3.87 15.87
C TYR A 23 4.18 3.92 15.65
N GLY A 24 4.66 4.94 14.95
CA GLY A 24 6.09 5.02 14.73
C GLY A 24 6.54 6.15 13.82
N SER A 25 7.85 6.35 13.79
CA SER A 25 8.46 7.38 12.96
C SER A 25 9.51 6.69 12.10
N TYR A 26 9.53 7.03 10.81
CA TYR A 26 10.47 6.42 9.89
C TYR A 26 11.40 7.47 9.30
N SER A 27 12.71 7.25 9.47
CA SER A 27 13.72 8.16 8.95
C SER A 27 14.00 7.83 7.49
N ASP A 28 13.76 6.57 7.12
CA ASP A 28 13.93 6.11 5.76
C ASP A 28 13.09 4.84 5.62
N MET A 29 13.05 4.24 4.43
CA MET A 29 12.25 3.04 4.25
C MET A 29 12.99 1.83 3.73
N PRO A 30 13.32 0.89 4.63
CA PRO A 30 14.02 -0.34 4.25
C PRO A 30 13.12 -1.16 3.35
N SER A 31 13.67 -1.69 2.27
CA SER A 31 12.90 -2.47 1.31
C SER A 31 13.71 -3.63 0.76
N ILE A 32 13.03 -4.68 0.32
CA ILE A 32 13.70 -5.84 -0.25
C ILE A 32 13.31 -5.89 -1.72
N ILE A 33 14.31 -5.86 -2.60
CA ILE A 33 14.06 -5.90 -4.03
C ILE A 33 14.33 -7.29 -4.59
N VAL A 34 13.45 -7.73 -5.49
CA VAL A 34 13.59 -9.03 -6.13
C VAL A 34 13.83 -8.86 -7.62
N LYS A 35 14.87 -9.54 -8.12
CA LYS A 35 15.18 -9.51 -9.55
C LYS A 35 15.09 -10.97 -9.97
N MET A 36 14.01 -11.30 -10.67
CA MET A 36 13.75 -12.68 -11.12
C MET A 36 14.22 -12.91 -12.54
N GLU A 37 15.07 -13.92 -12.73
CA GLU A 37 15.59 -14.25 -14.04
C GLU A 37 14.95 -15.54 -14.54
N THR A 38 14.79 -15.65 -15.86
CA THR A 38 14.18 -16.83 -16.46
C THR A 38 15.06 -17.44 -17.55
N ASP A 39 14.79 -18.69 -17.88
CA ASP A 39 15.52 -19.42 -18.90
C ASP A 39 15.35 -18.76 -20.26
N GLU A 40 14.40 -17.83 -20.35
CA GLU A 40 14.13 -17.13 -21.61
C GLU A 40 14.78 -15.75 -21.65
N GLY A 41 15.46 -15.38 -20.59
CA GLY A 41 16.12 -14.08 -20.57
C GLY A 41 15.24 -12.93 -20.10
N ILE A 42 13.95 -13.20 -19.91
CA ILE A 42 13.02 -12.17 -19.45
C ILE A 42 13.25 -11.96 -17.96
N ILE A 43 13.46 -10.72 -17.55
CA ILE A 43 13.70 -10.40 -16.16
C ILE A 43 12.48 -9.71 -15.55
N GLY A 44 12.26 -9.93 -14.25
CA GLY A 44 11.14 -9.32 -13.57
C GLY A 44 11.60 -8.73 -12.25
N TYR A 45 11.01 -7.62 -11.86
CA TYR A 45 11.35 -6.98 -10.59
C TYR A 45 10.19 -7.01 -9.62
N GLY A 46 10.49 -7.29 -8.37
CA GLY A 46 9.48 -7.32 -7.33
C GLY A 46 9.98 -6.53 -6.13
N GLU A 47 9.11 -6.26 -5.18
CA GLU A 47 9.52 -5.51 -4.00
C GLU A 47 8.70 -5.86 -2.78
N GLY A 48 9.37 -5.88 -1.64
CA GLY A 48 8.71 -6.18 -0.38
C GLY A 48 9.09 -5.13 0.64
N VAL A 49 8.14 -4.28 0.98
CA VAL A 49 8.37 -3.25 1.98
C VAL A 49 7.60 -3.71 3.22
N ALA A 50 8.34 -4.26 4.16
CA ALA A 50 7.74 -4.78 5.38
C ALA A 50 7.47 -3.72 6.44
N ASP A 51 6.30 -3.81 7.07
CA ASP A 51 5.96 -2.90 8.14
C ASP A 51 5.73 -3.80 9.35
N ASP A 52 6.73 -3.84 10.23
CA ASP A 52 6.70 -4.66 11.45
C ASP A 52 5.40 -4.56 12.25
N HIS A 53 4.83 -3.36 12.28
CA HIS A 53 3.64 -3.08 13.06
C HIS A 53 2.34 -3.56 12.46
N VAL A 54 2.37 -3.96 11.20
CA VAL A 54 1.16 -4.40 10.51
C VAL A 54 1.07 -5.89 10.21
N THR A 55 2.14 -6.48 9.70
CA THR A 55 2.12 -7.89 9.36
C THR A 55 3.12 -8.77 10.10
N GLY A 56 3.88 -8.17 11.02
CA GLY A 56 4.85 -8.94 11.77
C GLY A 56 6.05 -9.38 10.95
N GLU A 57 6.32 -8.65 9.89
CA GLU A 57 7.44 -8.93 9.02
C GLU A 57 8.38 -7.75 9.11
N SER A 58 9.68 -8.02 9.04
CA SER A 58 10.67 -6.94 9.10
C SER A 58 11.54 -7.00 7.87
N TRP A 59 12.35 -5.96 7.71
CA TRP A 59 13.28 -5.85 6.59
C TRP A 59 14.16 -7.11 6.54
N GLU A 60 14.88 -7.38 7.62
CA GLU A 60 15.76 -8.54 7.66
C GLU A 60 15.02 -9.87 7.59
N SER A 61 13.92 -9.99 8.33
CA SER A 61 13.16 -11.24 8.34
C SER A 61 12.64 -11.59 6.94
N THR A 62 12.24 -10.56 6.19
CA THR A 62 11.72 -10.78 4.84
C THR A 62 12.83 -11.24 3.89
N PHE A 63 14.01 -10.64 4.03
CA PHE A 63 15.14 -10.99 3.20
C PHE A 63 15.42 -12.48 3.35
N HIS A 64 15.51 -12.93 4.60
CA HIS A 64 15.79 -14.33 4.90
C HIS A 64 14.66 -15.29 4.58
N THR A 65 13.42 -14.85 4.74
CA THR A 65 12.29 -15.71 4.42
C THR A 65 12.36 -16.00 2.92
N LEU A 66 12.68 -14.98 2.14
CA LEU A 66 12.79 -15.14 0.70
C LEU A 66 13.97 -16.05 0.33
N LYS A 67 15.13 -15.75 0.90
CA LYS A 67 16.34 -16.50 0.60
C LYS A 67 16.32 -17.98 0.97
N HIS A 68 15.93 -18.27 2.21
CA HIS A 68 15.94 -19.64 2.71
C HIS A 68 14.65 -20.43 2.56
N THR A 69 13.51 -19.76 2.57
CA THR A 69 12.24 -20.48 2.51
C THR A 69 11.45 -20.43 1.21
N LEU A 70 11.18 -19.23 0.70
CA LEU A 70 10.39 -19.10 -0.51
C LEU A 70 11.06 -19.35 -1.87
N THR A 71 12.19 -18.70 -2.13
CA THR A 71 12.84 -18.85 -3.42
C THR A 71 13.38 -20.22 -3.83
N PRO A 72 13.98 -20.98 -2.90
CA PRO A 72 14.49 -22.29 -3.28
C PRO A 72 13.49 -23.14 -4.08
N ALA A 73 12.28 -23.26 -3.54
CA ALA A 73 11.23 -24.04 -4.19
C ALA A 73 10.74 -23.43 -5.51
N LEU A 74 10.94 -22.14 -5.67
CA LEU A 74 10.50 -21.44 -6.88
C LEU A 74 11.39 -21.67 -8.10
N ILE A 75 12.66 -21.98 -7.86
CA ILE A 75 13.59 -22.23 -8.96
C ILE A 75 13.05 -23.36 -9.82
N GLY A 76 12.92 -23.11 -11.12
CA GLY A 76 12.42 -24.13 -12.02
C GLY A 76 10.93 -23.98 -12.31
N GLN A 77 10.24 -23.19 -11.51
CA GLN A 77 8.81 -22.97 -11.70
C GLN A 77 8.55 -21.92 -12.78
N ASN A 78 7.35 -21.97 -13.35
CA ASN A 78 6.93 -21.03 -14.39
C ASN A 78 6.23 -19.82 -13.77
N PRO A 79 6.80 -18.62 -13.96
CA PRO A 79 6.21 -17.38 -13.42
C PRO A 79 4.82 -17.08 -13.94
N MET A 80 4.49 -17.68 -15.09
CA MET A 80 3.19 -17.46 -15.72
C MET A 80 2.04 -18.11 -14.95
N ASN A 81 2.33 -19.19 -14.24
CA ASN A 81 1.30 -19.88 -13.48
C ASN A 81 1.23 -19.31 -12.07
N ILE A 82 0.62 -18.13 -11.96
CA ILE A 82 0.51 -17.43 -10.69
C ILE A 82 -0.30 -18.15 -9.61
N GLU A 83 -1.41 -18.80 -9.99
CA GLU A 83 -2.23 -19.53 -9.02
C GLU A 83 -1.35 -20.62 -8.41
N LYS A 84 -0.60 -21.32 -9.27
CA LYS A 84 0.29 -22.39 -8.82
C LYS A 84 1.41 -21.85 -7.91
N ILE A 85 2.04 -20.76 -8.33
CA ILE A 85 3.12 -20.14 -7.55
C ILE A 85 2.64 -19.80 -6.15
N HIS A 86 1.45 -19.21 -6.05
CA HIS A 86 0.91 -18.85 -4.75
C HIS A 86 0.56 -20.07 -3.90
N ASP A 87 0.10 -21.14 -4.55
CA ASP A 87 -0.26 -22.35 -3.81
C ASP A 87 1.02 -22.96 -3.23
N MET A 88 2.09 -22.92 -4.00
CA MET A 88 3.36 -23.46 -3.55
C MET A 88 3.90 -22.64 -2.37
N MET A 89 3.84 -21.32 -2.48
CA MET A 89 4.33 -20.47 -1.40
C MET A 89 3.47 -20.66 -0.15
N ASP A 90 2.15 -20.75 -0.33
CA ASP A 90 1.25 -20.92 0.81
C ASP A 90 1.45 -22.27 1.50
N ASN A 91 1.72 -23.30 0.71
CA ASN A 91 1.95 -24.64 1.27
C ASN A 91 3.27 -24.69 2.02
N THR A 92 4.20 -23.83 1.62
CA THR A 92 5.53 -23.77 2.24
C THR A 92 5.49 -23.00 3.55
N ILE A 93 4.79 -21.88 3.58
CA ILE A 93 4.73 -21.07 4.77
C ILE A 93 3.47 -20.23 4.81
N TYR A 94 2.85 -20.18 5.99
CA TYR A 94 1.63 -19.42 6.23
C TYR A 94 1.95 -17.94 6.42
N GLY A 95 1.07 -17.08 5.93
CA GLY A 95 1.32 -15.66 6.12
C GLY A 95 2.39 -15.01 5.26
N VAL A 96 3.31 -14.29 5.92
CA VAL A 96 4.40 -13.56 5.26
C VAL A 96 3.99 -12.92 3.94
N PRO A 97 2.89 -12.15 3.96
CA PRO A 97 2.40 -11.50 2.75
C PRO A 97 3.40 -10.57 2.05
N THR A 98 4.21 -9.86 2.80
CA THR A 98 5.17 -8.95 2.17
C THR A 98 6.22 -9.73 1.37
N ALA A 99 6.70 -10.83 1.94
CA ALA A 99 7.68 -11.65 1.24
C ALA A 99 7.07 -12.26 -0.01
N LYS A 100 5.84 -12.74 0.11
CA LYS A 100 5.16 -13.33 -1.03
C LYS A 100 4.87 -12.29 -2.11
N ALA A 101 4.58 -11.07 -1.68
CA ALA A 101 4.29 -9.99 -2.62
C ALA A 101 5.49 -9.69 -3.49
N ALA A 102 6.68 -9.72 -2.91
CA ALA A 102 7.89 -9.44 -3.68
C ALA A 102 8.03 -10.42 -4.82
N ILE A 103 7.64 -11.67 -4.57
CA ILE A 103 7.73 -12.71 -5.60
C ILE A 103 6.63 -12.53 -6.64
N ASP A 104 5.41 -12.34 -6.15
CA ASP A 104 4.25 -12.17 -7.02
C ASP A 104 4.43 -11.00 -8.00
N ILE A 105 4.93 -9.86 -7.51
CA ILE A 105 5.11 -8.70 -8.38
C ILE A 105 6.10 -8.97 -9.50
N ALA A 106 7.20 -9.65 -9.17
CA ALA A 106 8.21 -9.98 -10.18
C ALA A 106 7.64 -10.90 -11.24
N CYS A 107 6.78 -11.83 -10.83
CA CYS A 107 6.16 -12.76 -11.78
C CYS A 107 5.28 -12.01 -12.78
N PHE A 108 4.52 -11.03 -12.28
CA PHE A 108 3.65 -10.27 -13.16
C PHE A 108 4.43 -9.37 -14.10
N ASP A 109 5.57 -8.85 -13.62
CA ASP A 109 6.40 -8.00 -14.45
C ASP A 109 6.89 -8.84 -15.62
N ILE A 110 7.29 -10.08 -15.33
CA ILE A 110 7.76 -11.00 -16.36
C ILE A 110 6.64 -11.37 -17.32
N MET A 111 5.45 -11.61 -16.78
CA MET A 111 4.31 -11.98 -17.61
C MET A 111 3.98 -10.87 -18.61
N GLY A 112 3.96 -9.63 -18.12
CA GLY A 112 3.66 -8.50 -18.99
C GLY A 112 4.74 -8.27 -20.03
N LYS A 113 6.00 -8.43 -19.64
CA LYS A 113 7.10 -8.23 -20.56
C LYS A 113 7.14 -9.36 -21.59
N LYS A 114 6.77 -10.57 -21.17
CA LYS A 114 6.73 -11.71 -22.06
C LYS A 114 5.60 -11.56 -23.10
N LEU A 115 4.46 -11.07 -22.65
CA LEU A 115 3.32 -10.90 -23.55
C LEU A 115 3.26 -9.49 -24.13
N ASN A 116 4.25 -8.68 -23.78
CA ASN A 116 4.34 -7.30 -24.25
C ASN A 116 3.06 -6.53 -23.98
N GLN A 117 2.63 -6.56 -22.72
CA GLN A 117 1.41 -5.87 -22.30
C GLN A 117 1.59 -5.33 -20.88
N PRO A 118 0.93 -4.22 -20.56
CA PRO A 118 1.05 -3.66 -19.21
C PRO A 118 0.40 -4.68 -18.27
N VAL A 119 0.81 -4.71 -17.00
CA VAL A 119 0.24 -5.65 -16.05
C VAL A 119 -1.29 -5.53 -15.97
N TYR A 120 -1.81 -4.30 -15.95
CA TYR A 120 -3.26 -4.14 -15.85
C TYR A 120 -4.04 -4.84 -16.97
N GLN A 121 -3.42 -4.98 -18.14
CA GLN A 121 -4.09 -5.65 -19.25
C GLN A 121 -4.21 -7.15 -19.02
N LEU A 122 -3.47 -7.65 -18.03
CA LEU A 122 -3.49 -9.08 -17.72
C LEU A 122 -4.39 -9.46 -16.54
N ILE A 123 -4.94 -8.46 -15.85
CA ILE A 123 -5.80 -8.75 -14.71
C ILE A 123 -7.17 -8.08 -14.79
N GLY A 124 -7.65 -7.86 -16.01
CA GLY A 124 -8.94 -7.23 -16.19
C GLY A 124 -8.95 -6.14 -17.24
N GLY A 125 -7.76 -5.65 -17.59
CA GLY A 125 -7.63 -4.60 -18.58
C GLY A 125 -7.68 -3.23 -17.94
N ARG A 126 -7.57 -2.18 -18.76
CA ARG A 126 -7.62 -0.83 -18.23
C ARG A 126 -9.07 -0.41 -17.99
N TYR A 127 -9.35 0.08 -16.79
CA TYR A 127 -10.70 0.55 -16.49
C TYR A 127 -10.65 2.05 -16.24
N HIS A 128 -9.69 2.47 -15.43
CA HIS A 128 -9.52 3.88 -15.09
C HIS A 128 -8.52 4.57 -16.00
N GLU A 129 -8.71 5.88 -16.20
CA GLU A 129 -7.81 6.68 -17.03
C GLU A 129 -6.84 7.40 -16.11
N GLU A 130 -7.33 7.78 -14.92
CA GLU A 130 -6.51 8.49 -13.96
C GLU A 130 -7.12 8.46 -12.57
N PHE A 131 -6.30 8.80 -11.58
CA PHE A 131 -6.72 8.85 -10.18
C PHE A 131 -6.13 10.11 -9.57
N PRO A 132 -6.87 10.75 -8.66
CA PRO A 132 -6.30 11.95 -8.04
C PRO A 132 -5.27 11.46 -7.01
N VAL A 133 -4.23 12.27 -6.78
CA VAL A 133 -3.20 11.89 -5.83
C VAL A 133 -3.42 12.63 -4.51
N THR A 134 -3.40 11.87 -3.42
CA THR A 134 -3.62 12.44 -2.10
C THR A 134 -2.31 12.57 -1.32
N HIS A 135 -2.06 13.78 -0.83
CA HIS A 135 -0.84 14.02 -0.07
C HIS A 135 -1.01 13.60 1.36
N VAL A 136 -0.09 12.78 1.87
CA VAL A 136 -0.17 12.32 3.25
C VAL A 136 0.62 13.24 4.17
N LEU A 137 -0.07 13.81 5.16
CA LEU A 137 0.56 14.71 6.12
C LEU A 137 0.94 13.96 7.39
N SER A 138 2.23 13.91 7.69
CA SER A 138 2.71 13.24 8.89
C SER A 138 2.23 13.98 10.14
N ILE A 139 2.14 13.25 11.25
CA ILE A 139 1.70 13.84 12.51
C ILE A 139 2.62 14.97 12.94
N ALA A 140 2.02 16.07 13.39
CA ALA A 140 2.76 17.24 13.84
C ALA A 140 1.79 18.17 14.55
N ASP A 141 2.29 19.27 15.11
CA ASP A 141 1.41 20.21 15.79
C ASP A 141 0.38 20.72 14.78
N PRO A 142 -0.82 21.06 15.25
CA PRO A 142 -1.89 21.55 14.37
C PRO A 142 -1.46 22.62 13.37
N GLU A 143 -0.80 23.67 13.83
CA GLU A 143 -0.37 24.72 12.93
C GLU A 143 0.63 24.22 11.90
N ASN A 144 1.52 23.32 12.31
CA ASN A 144 2.52 22.78 11.40
C ASN A 144 1.87 21.93 10.32
N MET A 145 0.82 21.19 10.68
CA MET A 145 0.12 20.35 9.71
C MET A 145 -0.65 21.25 8.74
N ALA A 146 -1.24 22.31 9.28
CA ALA A 146 -2.02 23.24 8.46
C ALA A 146 -1.12 23.98 7.46
N GLU A 147 0.10 24.31 7.88
CA GLU A 147 1.03 25.01 7.02
C GLU A 147 1.53 24.12 5.88
N GLU A 148 1.82 22.86 6.18
CA GLU A 148 2.30 21.96 5.14
C GLU A 148 1.20 21.76 4.12
N ALA A 149 -0.04 21.70 4.58
CA ALA A 149 -1.18 21.53 3.68
C ALA A 149 -1.27 22.71 2.73
N ALA A 150 -1.14 23.91 3.28
CA ALA A 150 -1.20 25.13 2.47
C ALA A 150 -0.09 25.09 1.42
N SER A 151 1.10 24.68 1.86
CA SER A 151 2.25 24.59 0.98
C SER A 151 2.03 23.60 -0.16
N MET A 152 1.48 22.43 0.16
CA MET A 152 1.23 21.42 -0.86
C MET A 152 0.09 21.81 -1.79
N ILE A 153 -0.81 22.68 -1.31
CA ILE A 153 -1.92 23.14 -2.12
C ILE A 153 -1.38 23.98 -3.28
N GLN A 154 -0.28 24.69 -3.03
CA GLN A 154 0.35 25.52 -4.05
C GLN A 154 1.01 24.62 -5.08
N LYS A 155 1.39 23.42 -4.65
CA LYS A 155 2.03 22.45 -5.53
C LYS A 155 1.00 21.76 -6.42
N GLY A 156 -0.27 22.02 -6.18
CA GLY A 156 -1.31 21.41 -6.98
C GLY A 156 -2.18 20.39 -6.27
N TYR A 157 -1.78 19.97 -5.08
CA TYR A 157 -2.56 19.00 -4.33
C TYR A 157 -3.94 19.54 -3.95
N GLN A 158 -4.95 18.68 -4.05
CA GLN A 158 -6.31 19.07 -3.74
C GLN A 158 -6.98 18.02 -2.83
N SER A 159 -6.18 17.04 -2.39
CA SER A 159 -6.67 15.98 -1.52
C SER A 159 -5.59 15.66 -0.50
N PHE A 160 -5.97 15.60 0.78
CA PHE A 160 -5.02 15.34 1.84
C PHE A 160 -5.44 14.21 2.79
N LYS A 161 -4.45 13.50 3.30
CA LYS A 161 -4.68 12.45 4.28
C LYS A 161 -3.95 12.87 5.53
N MET A 162 -4.70 13.18 6.58
CA MET A 162 -4.12 13.62 7.85
C MET A 162 -3.80 12.47 8.80
N LYS A 163 -2.54 12.38 9.21
CA LYS A 163 -2.12 11.36 10.16
C LYS A 163 -2.37 11.92 11.56
N VAL A 164 -3.14 11.18 12.37
CA VAL A 164 -3.43 11.61 13.74
C VAL A 164 -3.35 10.36 14.61
N GLY A 165 -3.66 10.49 15.90
CA GLY A 165 -3.65 9.34 16.76
C GLY A 165 -2.67 9.34 17.92
N THR A 166 -2.69 10.39 18.73
CA THR A 166 -1.82 10.47 19.90
C THR A 166 -2.65 10.88 21.10
N ASN A 167 -3.71 11.63 20.82
CA ASN A 167 -4.59 12.14 21.87
C ASN A 167 -5.82 12.74 21.20
N VAL A 168 -7.01 12.22 21.52
CA VAL A 168 -8.26 12.69 20.94
C VAL A 168 -8.39 14.21 20.89
N LYS A 169 -8.23 14.88 22.03
CA LYS A 169 -8.34 16.33 22.07
C LYS A 169 -7.36 17.00 21.11
N GLU A 170 -6.12 16.54 21.12
CA GLU A 170 -5.10 17.11 20.25
C GLU A 170 -5.34 16.78 18.79
N ASP A 171 -5.84 15.57 18.52
CA ASP A 171 -6.12 15.15 17.15
C ASP A 171 -7.24 16.00 16.57
N VAL A 172 -8.24 16.31 17.39
CA VAL A 172 -9.36 17.14 16.96
C VAL A 172 -8.83 18.53 16.63
N LYS A 173 -7.91 19.04 17.44
CA LYS A 173 -7.34 20.36 17.19
C LYS A 173 -6.53 20.37 15.90
N ARG A 174 -5.87 19.26 15.60
CA ARG A 174 -5.09 19.16 14.37
C ARG A 174 -6.01 19.24 13.16
N ILE A 175 -7.09 18.47 13.20
CA ILE A 175 -8.05 18.43 12.10
C ILE A 175 -8.76 19.77 11.92
N GLU A 176 -9.11 20.43 13.02
CA GLU A 176 -9.78 21.72 12.93
C GLU A 176 -8.86 22.74 12.28
N ALA A 177 -7.59 22.71 12.67
CA ALA A 177 -6.61 23.65 12.13
C ALA A 177 -6.46 23.51 10.62
N VAL A 178 -6.24 22.28 10.15
CA VAL A 178 -6.07 22.04 8.72
C VAL A 178 -7.29 22.44 7.90
N ARG A 179 -8.48 22.01 8.32
CA ARG A 179 -9.70 22.35 7.59
C ARG A 179 -9.89 23.86 7.54
N GLU A 180 -9.61 24.53 8.66
CA GLU A 180 -9.77 25.98 8.72
C GLU A 180 -8.81 26.69 7.77
N ARG A 181 -7.61 26.15 7.62
CA ARG A 181 -6.61 26.75 6.74
C ARG A 181 -6.85 26.51 5.25
N VAL A 182 -7.27 25.31 4.87
CA VAL A 182 -7.48 24.99 3.46
C VAL A 182 -8.85 25.29 2.87
N GLY A 183 -9.82 25.59 3.72
CA GLY A 183 -11.15 25.88 3.22
C GLY A 183 -11.96 24.60 3.04
N ASN A 184 -13.19 24.73 2.55
CA ASN A 184 -14.05 23.57 2.36
C ASN A 184 -14.08 22.94 0.97
N ASP A 185 -13.19 23.38 0.08
CA ASP A 185 -13.15 22.82 -1.27
C ASP A 185 -11.97 21.86 -1.41
N ILE A 186 -11.32 21.56 -0.29
CA ILE A 186 -10.18 20.66 -0.28
C ILE A 186 -10.63 19.37 0.40
N ALA A 187 -10.31 18.23 -0.22
CA ALA A 187 -10.68 16.94 0.35
C ALA A 187 -9.74 16.56 1.48
N ILE A 188 -10.32 16.04 2.56
CA ILE A 188 -9.53 15.62 3.72
C ILE A 188 -10.04 14.29 4.25
N ARG A 189 -9.13 13.35 4.45
CA ARG A 189 -9.48 12.05 5.03
C ARG A 189 -8.54 11.95 6.23
N VAL A 190 -8.97 11.25 7.28
CA VAL A 190 -8.19 11.12 8.50
C VAL A 190 -7.79 9.68 8.81
N ASP A 191 -6.51 9.46 9.09
CA ASP A 191 -5.99 8.12 9.39
C ASP A 191 -5.41 8.13 10.81
N VAL A 192 -6.05 7.37 11.70
CA VAL A 192 -5.63 7.31 13.10
C VAL A 192 -4.58 6.24 13.39
N ASN A 193 -4.40 5.33 12.44
CA ASN A 193 -3.45 4.24 12.61
C ASN A 193 -3.59 3.57 13.97
N GLN A 194 -4.83 3.26 14.33
CA GLN A 194 -5.17 2.57 15.59
C GLN A 194 -5.06 3.41 16.85
N GLY A 195 -4.64 4.66 16.70
CA GLY A 195 -4.45 5.55 17.83
C GLY A 195 -5.52 5.77 18.88
N TRP A 196 -6.80 5.72 18.50
CA TRP A 196 -7.87 5.92 19.47
C TRP A 196 -8.22 4.63 20.19
N LYS A 197 -7.62 3.53 19.73
CA LYS A 197 -7.74 2.22 20.34
C LYS A 197 -9.08 1.51 20.44
N ASN A 198 -10.11 2.20 20.93
CA ASN A 198 -11.41 1.56 21.08
C ASN A 198 -12.58 2.39 20.58
N SER A 199 -13.79 1.84 20.69
CA SER A 199 -14.96 2.55 20.20
C SER A 199 -15.36 3.77 21.04
N ALA A 200 -15.17 3.70 22.35
CA ALA A 200 -15.52 4.82 23.22
C ALA A 200 -14.72 6.07 22.84
N ASN A 201 -13.40 5.93 22.76
CA ASN A 201 -12.55 7.07 22.40
C ASN A 201 -12.88 7.55 21.00
N THR A 202 -13.09 6.61 20.08
CA THR A 202 -13.41 6.94 18.70
C THR A 202 -14.72 7.72 18.59
N LEU A 203 -15.78 7.21 19.21
CA LEU A 203 -17.07 7.88 19.15
C LEU A 203 -17.01 9.25 19.77
N THR A 204 -16.20 9.41 20.81
CA THR A 204 -16.07 10.70 21.44
C THR A 204 -15.38 11.66 20.47
N ALA A 205 -14.37 11.15 19.77
CA ALA A 205 -13.65 11.96 18.81
C ALA A 205 -14.56 12.37 17.66
N LEU A 206 -15.36 11.44 17.16
CA LEU A 206 -16.24 11.72 16.05
C LEU A 206 -17.30 12.76 16.34
N ARG A 207 -17.63 12.95 17.61
CA ARG A 207 -18.62 13.93 18.01
C ARG A 207 -18.19 15.33 17.60
N SER A 208 -16.88 15.57 17.56
CA SER A 208 -16.33 16.87 17.22
C SER A 208 -15.86 17.02 15.76
N LEU A 209 -16.11 16.02 14.93
CA LEU A 209 -15.67 16.09 13.54
C LEU A 209 -16.79 16.12 12.51
N GLY A 210 -18.03 16.16 12.97
CA GLY A 210 -19.16 16.17 12.06
C GLY A 210 -19.28 17.35 11.13
N HIS A 211 -18.86 18.52 11.60
CA HIS A 211 -18.95 19.75 10.80
C HIS A 211 -17.67 20.06 10.00
N LEU A 212 -16.70 19.15 10.01
CA LEU A 212 -15.46 19.40 9.30
C LEU A 212 -15.36 18.76 7.92
N ASN A 213 -16.45 18.13 7.48
CA ASN A 213 -16.49 17.50 6.16
C ASN A 213 -15.31 16.55 5.90
N ILE A 214 -15.20 15.51 6.72
CA ILE A 214 -14.13 14.53 6.58
C ILE A 214 -14.65 13.42 5.66
N ASP A 215 -13.89 13.09 4.61
CA ASP A 215 -14.32 12.06 3.66
C ASP A 215 -14.50 10.69 4.33
N TRP A 216 -13.57 10.33 5.20
CA TRP A 216 -13.67 9.08 5.93
C TRP A 216 -12.64 9.01 7.03
N ILE A 217 -12.91 8.15 8.01
CA ILE A 217 -12.03 7.93 9.16
C ILE A 217 -11.42 6.55 8.97
N GLU A 218 -10.09 6.49 8.95
CA GLU A 218 -9.38 5.25 8.73
C GLU A 218 -8.76 4.62 9.98
N GLN A 219 -9.06 3.35 10.19
CA GLN A 219 -8.56 2.54 11.31
C GLN A 219 -8.42 3.24 12.66
N PRO A 220 -9.54 3.66 13.25
CA PRO A 220 -9.47 4.34 14.54
C PRO A 220 -9.07 3.43 15.70
N VAL A 221 -9.42 2.15 15.61
CA VAL A 221 -9.13 1.21 16.69
C VAL A 221 -8.02 0.21 16.41
N ILE A 222 -7.63 -0.55 17.43
CA ILE A 222 -6.59 -1.55 17.27
C ILE A 222 -6.98 -2.53 16.16
N ALA A 223 -6.00 -2.91 15.36
CA ALA A 223 -6.20 -3.79 14.21
C ALA A 223 -7.08 -5.01 14.42
N ASP A 224 -6.75 -5.79 15.45
CA ASP A 224 -7.50 -7.03 15.73
C ASP A 224 -8.96 -6.88 16.12
N ASP A 225 -9.39 -5.66 16.45
CA ASP A 225 -10.77 -5.46 16.89
C ASP A 225 -11.75 -5.06 15.79
N ILE A 226 -12.19 -6.04 15.00
CA ILE A 226 -13.14 -5.79 13.94
C ILE A 226 -14.51 -5.52 14.59
N ASP A 227 -14.76 -6.16 15.73
CA ASP A 227 -16.01 -5.97 16.45
C ASP A 227 -16.19 -4.50 16.79
N ALA A 228 -15.12 -3.85 17.24
CA ALA A 228 -15.20 -2.44 17.59
C ALA A 228 -15.54 -1.59 16.37
N MET A 229 -14.99 -1.94 15.21
CA MET A 229 -15.28 -1.18 14.00
C MET A 229 -16.77 -1.27 13.68
N ALA A 230 -17.34 -2.46 13.81
CA ALA A 230 -18.76 -2.64 13.53
C ALA A 230 -19.62 -1.86 14.52
N HIS A 231 -19.18 -1.80 15.78
CA HIS A 231 -19.93 -1.08 16.79
C HIS A 231 -19.91 0.42 16.49
N ILE A 232 -18.74 0.94 16.13
CA ILE A 232 -18.62 2.35 15.79
C ILE A 232 -19.52 2.64 14.58
N ARG A 233 -19.46 1.77 13.58
CA ARG A 233 -20.26 1.98 12.37
C ARG A 233 -21.75 2.02 12.66
N SER A 234 -22.19 1.30 13.69
CA SER A 234 -23.62 1.29 14.02
C SER A 234 -24.04 2.58 14.72
N LYS A 235 -23.06 3.38 15.13
CA LYS A 235 -23.36 4.61 15.85
C LYS A 235 -22.82 5.92 15.26
N THR A 236 -22.41 5.89 13.99
CA THR A 236 -21.91 7.11 13.35
C THR A 236 -22.30 7.11 11.88
N ASP A 237 -22.34 8.28 11.26
CA ASP A 237 -22.68 8.39 9.85
C ASP A 237 -21.48 8.84 9.03
N LEU A 238 -20.29 8.81 9.64
CA LEU A 238 -19.07 9.17 8.93
C LEU A 238 -18.53 7.88 8.34
N PRO A 239 -18.13 7.89 7.06
CA PRO A 239 -17.61 6.67 6.44
C PRO A 239 -16.39 6.13 7.19
N LEU A 240 -16.32 4.81 7.30
CA LEU A 240 -15.22 4.16 8.02
C LEU A 240 -14.41 3.24 7.11
N MET A 241 -13.09 3.34 7.22
CA MET A 241 -12.18 2.50 6.44
C MET A 241 -11.32 1.66 7.37
N ILE A 242 -11.11 0.41 6.99
CA ILE A 242 -10.26 -0.48 7.77
C ILE A 242 -8.96 -0.67 7.01
N ASP A 243 -7.83 -0.56 7.71
CA ASP A 243 -6.53 -0.76 7.09
C ASP A 243 -5.80 -1.90 7.78
N GLU A 244 -5.09 -1.61 8.87
CA GLU A 244 -4.33 -2.65 9.56
C GLU A 244 -5.20 -3.85 9.94
N GLY A 245 -6.49 -3.60 10.15
CA GLY A 245 -7.40 -4.68 10.52
C GLY A 245 -7.72 -5.63 9.37
N LEU A 246 -7.31 -5.28 8.15
CA LEU A 246 -7.54 -6.11 6.98
C LEU A 246 -6.23 -6.50 6.33
N LYS A 247 -5.96 -7.80 6.24
CA LYS A 247 -4.74 -8.27 5.60
C LYS A 247 -5.09 -9.27 4.50
N SER A 248 -5.64 -10.41 4.90
CA SER A 248 -6.01 -11.47 3.98
C SER A 248 -7.53 -11.63 3.89
N SER A 249 -7.97 -12.62 3.12
CA SER A 249 -9.39 -12.88 2.96
C SER A 249 -10.01 -13.29 4.29
N ARG A 250 -9.17 -13.71 5.24
CA ARG A 250 -9.67 -14.09 6.55
C ARG A 250 -10.38 -12.90 7.19
N GLU A 251 -9.72 -11.75 7.20
CA GLU A 251 -10.34 -10.56 7.79
C GLU A 251 -11.45 -10.00 6.90
N MET A 252 -11.32 -10.13 5.57
CA MET A 252 -12.36 -9.63 4.68
C MET A 252 -13.65 -10.38 4.98
N ARG A 253 -13.53 -11.67 5.24
CA ARG A 253 -14.72 -12.46 5.54
C ARG A 253 -15.43 -11.92 6.77
N GLN A 254 -14.66 -11.57 7.80
CA GLN A 254 -15.23 -11.03 9.03
C GLN A 254 -15.84 -9.65 8.82
N ILE A 255 -15.14 -8.81 8.05
CA ILE A 255 -15.61 -7.46 7.79
C ILE A 255 -16.96 -7.49 7.10
N ILE A 256 -17.11 -8.43 6.16
CA ILE A 256 -18.36 -8.57 5.45
C ILE A 256 -19.44 -9.15 6.36
N LYS A 257 -19.10 -10.18 7.12
CA LYS A 257 -20.08 -10.82 8.00
C LYS A 257 -20.60 -9.86 9.07
N LEU A 258 -19.71 -9.02 9.60
CA LEU A 258 -20.07 -8.10 10.65
C LEU A 258 -20.46 -6.69 10.22
N GLU A 259 -20.43 -6.42 8.91
CA GLU A 259 -20.76 -5.09 8.40
C GLU A 259 -19.91 -4.06 9.14
N ALA A 260 -18.61 -4.33 9.20
CA ALA A 260 -17.67 -3.49 9.93
C ALA A 260 -17.07 -2.30 9.21
N ALA A 261 -17.27 -2.20 7.91
CA ALA A 261 -16.66 -1.07 7.19
C ALA A 261 -17.36 -0.64 5.93
N ASP A 262 -17.13 0.63 5.56
CA ASP A 262 -17.68 1.18 4.34
C ASP A 262 -16.61 1.04 3.26
N LYS A 263 -15.35 1.11 3.68
CA LYS A 263 -14.23 1.02 2.76
C LYS A 263 -13.11 0.19 3.35
N VAL A 264 -12.24 -0.35 2.48
CA VAL A 264 -11.09 -1.11 2.95
C VAL A 264 -9.85 -0.68 2.19
N ASN A 265 -8.73 -0.68 2.87
CA ASN A 265 -7.45 -0.31 2.27
C ASN A 265 -6.75 -1.62 1.93
N ILE A 266 -6.80 -2.01 0.67
CA ILE A 266 -6.14 -3.24 0.22
C ILE A 266 -4.70 -2.87 -0.13
N LYS A 267 -3.75 -3.69 0.33
CA LYS A 267 -2.34 -3.42 0.05
C LYS A 267 -1.62 -4.70 -0.33
N LEU A 268 -0.83 -4.62 -1.40
CA LEU A 268 -0.09 -5.78 -1.85
C LEU A 268 0.76 -6.36 -0.73
N MET A 269 1.33 -5.49 0.11
CA MET A 269 2.18 -5.97 1.19
C MET A 269 1.42 -6.69 2.31
N LYS A 270 0.11 -6.49 2.38
CA LYS A 270 -0.69 -7.15 3.42
C LYS A 270 -1.31 -8.47 2.97
N CYS A 271 -1.52 -8.64 1.67
CA CYS A 271 -2.16 -9.85 1.18
C CYS A 271 -1.31 -10.81 0.34
N GLY A 272 -0.10 -10.39 -0.04
CA GLY A 272 0.74 -11.28 -0.83
C GLY A 272 0.93 -10.94 -2.30
N GLY A 273 0.59 -9.71 -2.70
CA GLY A 273 0.80 -9.34 -4.09
C GLY A 273 -0.40 -8.97 -4.93
N ILE A 274 -0.17 -8.87 -6.24
CA ILE A 274 -1.20 -8.52 -7.20
C ILE A 274 -2.35 -9.53 -7.25
N TYR A 275 -2.01 -10.81 -7.33
CA TYR A 275 -3.02 -11.85 -7.43
C TYR A 275 -3.97 -11.87 -6.22
N PRO A 276 -3.43 -11.89 -5.00
CA PRO A 276 -4.31 -11.89 -3.82
C PRO A 276 -5.11 -10.59 -3.71
N ALA A 277 -4.49 -9.48 -4.14
CA ALA A 277 -5.15 -8.18 -4.09
C ALA A 277 -6.39 -8.17 -4.97
N VAL A 278 -6.30 -8.79 -6.15
CA VAL A 278 -7.43 -8.87 -7.06
C VAL A 278 -8.54 -9.70 -6.42
N LYS A 279 -8.17 -10.81 -5.77
CA LYS A 279 -9.17 -11.64 -5.11
C LYS A 279 -9.92 -10.84 -4.03
N LEU A 280 -9.17 -10.06 -3.26
CA LEU A 280 -9.78 -9.24 -2.21
C LEU A 280 -10.74 -8.22 -2.81
N ALA A 281 -10.37 -7.64 -3.95
CA ALA A 281 -11.24 -6.66 -4.60
C ALA A 281 -12.54 -7.33 -5.02
N HIS A 282 -12.44 -8.55 -5.54
CA HIS A 282 -13.63 -9.27 -5.98
C HIS A 282 -14.52 -9.60 -4.80
N GLN A 283 -13.92 -9.93 -3.67
CA GLN A 283 -14.69 -10.26 -2.48
C GLN A 283 -15.41 -9.02 -1.96
N ALA A 284 -14.69 -7.90 -1.90
CA ALA A 284 -15.29 -6.66 -1.42
C ALA A 284 -16.45 -6.24 -2.32
N GLU A 285 -16.29 -6.41 -3.63
CA GLU A 285 -17.33 -6.03 -4.59
C GLU A 285 -18.66 -6.73 -4.28
N MET A 286 -18.58 -8.00 -3.90
CA MET A 286 -19.76 -8.79 -3.59
C MET A 286 -20.59 -8.11 -2.49
N ALA A 287 -19.91 -7.52 -1.51
CA ALA A 287 -20.59 -6.88 -0.39
C ALA A 287 -20.76 -5.37 -0.53
N GLY A 288 -20.40 -4.82 -1.69
CA GLY A 288 -20.56 -3.39 -1.91
C GLY A 288 -19.61 -2.53 -1.10
N ILE A 289 -18.47 -3.08 -0.71
CA ILE A 289 -17.48 -2.34 0.06
C ILE A 289 -16.54 -1.66 -0.92
N GLU A 290 -16.38 -0.34 -0.79
CA GLU A 290 -15.49 0.38 -1.69
C GLU A 290 -14.05 0.05 -1.33
N CYS A 291 -13.20 -0.02 -2.35
CA CYS A 291 -11.80 -0.35 -2.13
C CYS A 291 -10.83 0.73 -2.53
N GLN A 292 -9.71 0.75 -1.83
CA GLN A 292 -8.63 1.67 -2.11
C GLN A 292 -7.39 0.80 -2.11
N VAL A 293 -6.42 1.14 -2.95
CA VAL A 293 -5.17 0.39 -2.96
C VAL A 293 -4.17 1.36 -2.34
N GLY A 294 -3.73 1.04 -1.13
CA GLY A 294 -2.78 1.89 -0.45
C GLY A 294 -1.39 1.29 -0.55
N SER A 295 -0.50 1.67 0.36
CA SER A 295 0.86 1.14 0.32
C SER A 295 1.53 1.39 1.66
N MET A 296 2.75 0.89 1.80
CA MET A 296 3.53 1.06 3.02
C MET A 296 4.59 2.14 2.81
N VAL A 297 4.49 2.83 1.68
CA VAL A 297 5.43 3.87 1.24
C VAL A 297 6.52 3.02 0.58
N GLU A 298 6.35 2.79 -0.70
CA GLU A 298 7.22 1.91 -1.48
C GLU A 298 7.86 2.58 -2.69
N SER A 299 8.85 1.91 -3.28
CA SER A 299 9.54 2.45 -4.45
C SER A 299 8.63 2.35 -5.67
N SER A 300 9.15 2.77 -6.82
CA SER A 300 8.37 2.70 -8.04
C SER A 300 7.95 1.27 -8.37
N VAL A 301 8.73 0.30 -7.92
CA VAL A 301 8.42 -1.10 -8.22
C VAL A 301 7.08 -1.53 -7.64
N ALA A 302 6.97 -1.55 -6.32
CA ALA A 302 5.72 -1.97 -5.69
C ALA A 302 4.62 -0.93 -5.93
N SER A 303 4.97 0.35 -5.96
CA SER A 303 3.97 1.37 -6.20
C SER A 303 3.32 1.15 -7.57
N SER A 304 4.14 0.87 -8.57
CA SER A 304 3.58 0.62 -9.90
C SER A 304 2.65 -0.59 -9.87
N ALA A 305 3.10 -1.66 -9.23
CA ALA A 305 2.28 -2.86 -9.14
C ALA A 305 0.92 -2.54 -8.54
N GLY A 306 0.90 -1.72 -7.50
CA GLY A 306 -0.34 -1.34 -6.86
C GLY A 306 -1.26 -0.60 -7.83
N PHE A 307 -0.70 0.32 -8.59
CA PHE A 307 -1.50 1.06 -9.55
C PHE A 307 -2.07 0.13 -10.63
N HIS A 308 -1.30 -0.84 -11.06
CA HIS A 308 -1.79 -1.76 -12.07
C HIS A 308 -3.05 -2.46 -11.59
N VAL A 309 -3.12 -2.76 -10.30
CA VAL A 309 -4.32 -3.39 -9.76
C VAL A 309 -5.45 -2.35 -9.73
N ALA A 310 -5.16 -1.18 -9.17
CA ALA A 310 -6.16 -0.12 -9.07
C ALA A 310 -6.78 0.28 -10.40
N PHE A 311 -5.96 0.51 -11.41
CA PHE A 311 -6.45 0.92 -12.72
C PHE A 311 -7.28 -0.11 -13.45
N SER A 312 -7.26 -1.36 -12.98
CA SER A 312 -8.01 -2.42 -13.65
C SER A 312 -9.35 -2.75 -13.00
N LYS A 313 -9.68 -2.10 -11.89
CA LYS A 313 -10.93 -2.42 -11.19
C LYS A 313 -11.85 -1.26 -10.88
N LYS A 314 -13.11 -1.38 -11.27
CA LYS A 314 -14.11 -0.36 -10.97
C LYS A 314 -14.33 -0.19 -9.46
N ILE A 315 -14.26 -1.29 -8.72
CA ILE A 315 -14.47 -1.23 -7.27
C ILE A 315 -13.37 -0.47 -6.53
N ILE A 316 -12.22 -0.28 -7.17
CA ILE A 316 -11.14 0.47 -6.52
C ILE A 316 -11.34 1.92 -6.95
N THR A 317 -11.73 2.75 -5.99
CA THR A 317 -12.05 4.13 -6.26
C THR A 317 -11.04 5.18 -5.79
N SER A 318 -9.99 4.75 -5.12
CA SER A 318 -8.96 5.68 -4.67
C SER A 318 -7.65 4.93 -4.55
N VAL A 319 -6.54 5.67 -4.61
CA VAL A 319 -5.22 5.08 -4.50
C VAL A 319 -4.35 5.88 -3.57
N GLU A 320 -3.44 5.18 -2.87
CA GLU A 320 -2.52 5.83 -1.96
C GLU A 320 -1.16 5.19 -2.04
N LEU A 321 -0.43 5.49 -3.11
CA LEU A 321 0.92 4.98 -3.31
C LEU A 321 1.73 6.21 -3.72
N THR A 322 2.41 6.82 -2.75
CA THR A 322 3.19 8.03 -3.04
C THR A 322 4.65 7.95 -2.60
N GLY A 323 5.16 6.74 -2.40
CA GLY A 323 6.54 6.58 -2.00
C GLY A 323 7.50 7.34 -2.90
N PRO A 324 7.38 7.17 -4.23
CA PRO A 324 8.25 7.86 -5.18
C PRO A 324 8.28 9.38 -5.01
N LEU A 325 7.20 9.92 -4.46
CA LEU A 325 7.08 11.37 -4.24
C LEU A 325 7.69 11.75 -2.89
N LYS A 326 7.93 10.74 -2.05
CA LYS A 326 8.49 10.98 -0.72
C LYS A 326 10.00 10.72 -0.64
N PHE A 327 10.51 9.85 -1.50
CA PHE A 327 11.92 9.51 -1.49
C PHE A 327 12.78 10.48 -2.28
N THR A 328 14.02 10.68 -1.83
CA THR A 328 14.96 11.57 -2.50
C THR A 328 15.72 10.75 -3.55
N LYS A 329 15.54 9.44 -3.49
CA LYS A 329 16.18 8.52 -4.41
C LYS A 329 15.23 7.35 -4.63
N ASP A 330 15.12 6.89 -5.87
CA ASP A 330 14.21 5.78 -6.22
C ASP A 330 14.94 4.88 -7.21
N ILE A 331 14.70 3.58 -7.16
CA ILE A 331 15.34 2.64 -8.07
C ILE A 331 14.57 2.55 -9.38
N GLY A 332 13.31 3.01 -9.35
CA GLY A 332 12.47 2.99 -10.52
C GLY A 332 12.13 4.40 -10.95
N ASN A 333 11.40 4.54 -12.06
CA ASN A 333 11.05 5.86 -12.56
C ASN A 333 9.55 6.09 -12.81
N LEU A 334 8.71 5.65 -11.88
CA LEU A 334 7.27 5.84 -12.02
C LEU A 334 6.95 7.33 -12.07
N HIS A 335 6.23 7.76 -13.09
CA HIS A 335 5.91 9.16 -13.26
C HIS A 335 4.54 9.60 -12.77
N TYR A 336 4.53 10.66 -11.97
CA TYR A 336 3.30 11.23 -11.43
C TYR A 336 3.04 12.59 -12.09
N ASP A 337 1.76 12.90 -12.30
CA ASP A 337 1.35 14.16 -12.89
C ASP A 337 0.50 14.89 -11.86
N VAL A 338 1.07 15.08 -10.66
CA VAL A 338 0.38 15.75 -9.57
C VAL A 338 -0.47 16.91 -10.09
N PRO A 339 -1.72 17.02 -9.63
CA PRO A 339 -2.41 16.16 -8.66
C PRO A 339 -3.02 14.86 -9.20
N PHE A 340 -2.45 14.31 -10.27
CA PHE A 340 -2.98 13.08 -10.85
C PHE A 340 -1.93 12.01 -11.10
N ILE A 341 -2.41 10.78 -11.22
CA ILE A 341 -1.54 9.65 -11.53
C ILE A 341 -2.18 8.95 -12.73
N ARG A 342 -1.37 8.72 -13.76
CA ARG A 342 -1.84 8.04 -14.96
C ARG A 342 -0.80 6.95 -15.20
N LEU A 343 -1.15 5.93 -15.95
CA LEU A 343 -0.20 4.87 -16.23
C LEU A 343 0.11 4.82 -17.73
N ASN A 344 1.38 4.66 -18.07
CA ASN A 344 1.75 4.57 -19.48
C ASN A 344 1.28 3.21 -19.98
N GLU A 345 1.65 2.86 -21.20
CA GLU A 345 1.22 1.58 -21.75
C GLU A 345 2.39 0.64 -22.04
N LYS A 346 3.48 0.81 -21.30
CA LYS A 346 4.66 -0.02 -21.49
C LYS A 346 4.44 -1.40 -20.85
N PRO A 347 5.18 -2.42 -21.32
CA PRO A 347 5.10 -3.80 -20.84
C PRO A 347 5.41 -3.97 -19.35
N GLY A 348 4.78 -4.96 -18.74
CA GLY A 348 5.00 -5.24 -17.32
C GLY A 348 4.64 -4.07 -16.44
N LEU A 349 5.49 -3.79 -15.46
CA LEU A 349 5.24 -2.68 -14.55
C LEU A 349 5.38 -1.35 -15.29
N GLY A 350 5.92 -1.41 -16.51
CA GLY A 350 6.07 -0.20 -17.32
C GLY A 350 7.09 0.81 -16.85
N ILE A 351 8.03 0.40 -16.02
CA ILE A 351 9.04 1.32 -15.52
C ILE A 351 10.43 0.79 -15.86
N GLU A 352 11.45 1.62 -15.61
CA GLU A 352 12.83 1.23 -15.84
C GLU A 352 13.56 1.25 -14.52
N ILE A 353 14.40 0.25 -14.29
CA ILE A 353 15.17 0.17 -13.05
C ILE A 353 16.58 0.69 -13.27
N ASN A 354 17.01 1.60 -12.40
CA ASN A 354 18.36 2.14 -12.49
C ASN A 354 19.28 1.24 -11.66
N GLU A 355 20.04 0.40 -12.33
CA GLU A 355 20.96 -0.53 -11.68
C GLU A 355 21.94 0.18 -10.75
N ASP A 356 22.42 1.35 -11.17
CA ASP A 356 23.36 2.11 -10.35
C ASP A 356 22.72 2.54 -9.04
N THR A 357 21.48 3.01 -9.12
CA THR A 357 20.78 3.46 -7.92
C THR A 357 20.53 2.26 -7.01
N LEU A 358 20.12 1.15 -7.60
CA LEU A 358 19.85 -0.08 -6.85
C LEU A 358 21.05 -0.49 -6.00
N GLN A 359 22.22 -0.60 -6.63
CA GLN A 359 23.43 -0.97 -5.90
C GLN A 359 23.82 0.08 -4.88
N GLU A 360 23.57 1.34 -5.19
CA GLU A 360 23.90 2.44 -4.30
C GLU A 360 23.11 2.36 -2.99
N LEU A 361 21.88 1.88 -3.08
CA LEU A 361 21.01 1.79 -1.92
C LEU A 361 21.07 0.42 -1.23
N THR A 362 21.75 -0.53 -1.85
CA THR A 362 21.86 -1.88 -1.30
C THR A 362 22.82 -1.98 -0.11
N VAL A 363 22.34 -2.59 0.98
CA VAL A 363 23.13 -2.76 2.19
C VAL A 363 23.76 -4.15 2.15
N PHE A 364 22.98 -5.12 1.67
CA PHE A 364 23.45 -6.50 1.54
C PHE A 364 22.57 -7.21 0.52
N GLN A 365 23.09 -8.27 -0.07
CA GLN A 365 22.36 -9.00 -1.10
C GLN A 365 22.79 -10.46 -1.23
N ASP A 366 22.06 -11.19 -2.05
CA ASP A 366 22.33 -12.59 -2.32
C ASP A 366 21.63 -13.01 -3.60
N ILE A 367 22.05 -14.14 -4.14
CA ILE A 367 21.45 -14.68 -5.35
C ILE A 367 21.12 -16.15 -5.07
N VAL A 368 19.89 -16.54 -5.35
CA VAL A 368 19.46 -17.91 -5.12
C VAL A 368 19.29 -18.62 -6.46
N ARG A 369 19.98 -19.74 -6.62
CA ARG A 369 19.91 -20.52 -7.86
C ARG A 369 19.53 -21.96 -7.56
#